data_6XHF
#
_entry.id   6XHF
#
_cell.length_a   100.102
_cell.length_b   32.500
_cell.length_c   72.945
_cell.angle_alpha   90.000
_cell.angle_beta   90.420
_cell.angle_gamma   90.000
#
_symmetry.space_group_name_H-M   'C 1 2 1'
#
loop_
_entity.id
_entity.type
_entity.pdbx_description
1 polymer 'Ribonuclease pancreatic'
2 non-polymer '(2~{S})-2-[[[(2~{R},3~{S},4~{R},5~{R})-5-(6-aminopurin-9-yl)-3,4-bis(oxidanyl)oxolan-2-yl]methoxy-oxidanyl-phosphoryl]amino]-3-phenyl-propanoic acid'
3 non-polymer 'CHLORIDE ION'
4 water water
#
_entity_poly.entity_id   1
_entity_poly.type   'polypeptide(L)'
_entity_poly.pdbx_seq_one_letter_code
;KETAAAKFERQHMDSSTSAASSSNYCNQMMKSRNLTKDRCKPVNTFVHESLADVQAVCSQKNVACKNGQTNCYQSYSTMS
ITDCRETGSSKYPNCAYKTTQANKHIIVACEGNPYVPVHFDASV
;
_entity_poly.pdbx_strand_id   A,B
#
loop_
_chem_comp.id
_chem_comp.type
_chem_comp.name
_chem_comp.formula
CL non-polymer 'CHLORIDE ION' 'Cl -1'
V2S non-polymer '(2~{S})-2-[[[(2~{R},3~{S},4~{R},5~{R})-5-(6-aminopurin-9-yl)-3,4-bis(oxidanyl)oxolan-2-yl]methoxy-oxidanyl-phosphoryl]amino]-3-phenyl-propanoic acid' 'C19 H23 N6 O8 P'
#
# COMPACT_ATOMS: atom_id res chain seq x y z
N LYS A 1 -9.99 9.20 13.20
CA LYS A 1 -9.42 7.81 13.17
C LYS A 1 -8.01 7.84 12.58
N GLU A 2 -7.75 8.84 11.73
CA GLU A 2 -6.52 8.99 10.98
C GLU A 2 -5.85 10.28 11.41
N THR A 3 -4.55 10.25 11.74
CA THR A 3 -3.85 11.52 11.98
C THR A 3 -3.76 12.30 10.67
N ALA A 4 -3.59 13.62 10.78
CA ALA A 4 -3.38 14.46 9.61
C ALA A 4 -2.14 14.01 8.85
N ALA A 5 -1.06 13.69 9.59
CA ALA A 5 0.16 13.22 8.97
C ALA A 5 -0.09 11.95 8.15
N ALA A 6 -0.83 11.00 8.74
CA ALA A 6 -1.09 9.76 8.03
C ALA A 6 -1.96 10.00 6.80
N LYS A 7 -2.93 10.92 6.91
CA LYS A 7 -3.78 11.24 5.76
C LYS A 7 -2.95 11.84 4.63
N PHE A 8 -2.00 12.71 4.98
CA PHE A 8 -1.08 13.24 3.98
C PHE A 8 -0.34 12.10 3.28
N GLU A 9 0.16 11.11 4.04
CA GLU A 9 0.90 10.04 3.38
C GLU A 9 -0.03 9.24 2.46
N ARG A 10 -1.27 9.00 2.92
CA ARG A 10 -2.20 8.20 2.14
C ARG A 10 -2.57 8.96 0.87
N GLN A 11 -2.83 10.28 1.00
CA GLN A 11 -3.30 10.99 -0.18
C GLN A 11 -2.14 11.39 -1.10
N HIS A 12 -0.92 11.61 -0.58
CA HIS A 12 0.06 12.32 -1.39
C HIS A 12 1.42 11.66 -1.59
N MET A 13 1.71 10.57 -0.86
CA MET A 13 3.04 9.97 -0.99
C MET A 13 2.94 8.72 -1.88
N ASP A 14 3.79 8.65 -2.91
CA ASP A 14 4.00 7.36 -3.55
C ASP A 14 5.48 7.14 -3.83
N SER A 15 6.18 6.69 -2.78
CA SER A 15 7.62 6.51 -2.82
C SER A 15 8.01 5.22 -3.54
N SER A 16 7.02 4.47 -4.04
CA SER A 16 7.27 3.17 -4.68
C SER A 16 7.69 3.28 -6.14
N THR A 17 7.37 4.38 -6.82
CA THR A 17 7.80 4.60 -8.20
C THR A 17 8.53 5.92 -8.33
N SER A 18 9.34 6.06 -9.38
CA SER A 18 10.05 7.31 -9.61
C SER A 18 9.24 8.30 -10.45
N ALA A 19 8.19 7.80 -11.12
CA ALA A 19 7.30 8.60 -11.96
C ALA A 19 6.08 7.74 -12.29
N ALA A 20 5.01 8.37 -12.78
CA ALA A 20 3.89 7.62 -13.33
C ALA A 20 4.34 7.00 -14.65
N SER A 21 4.08 5.70 -14.81
CA SER A 21 4.65 4.98 -15.95
C SER A 21 3.68 5.02 -17.13
N SER A 22 2.39 5.25 -16.84
CA SER A 22 1.36 5.06 -17.84
C SER A 22 0.24 6.06 -17.61
N SER A 23 -0.69 6.15 -18.56
CA SER A 23 -1.77 7.10 -18.45
C SER A 23 -2.88 6.52 -17.57
N ASN A 24 -2.65 5.31 -17.05
CA ASN A 24 -3.59 4.67 -16.17
C ASN A 24 -3.20 4.80 -14.69
N TYR A 25 -2.08 5.46 -14.42
CA TYR A 25 -1.55 5.56 -13.05
C TYR A 25 -2.57 6.16 -12.10
N CYS A 26 -3.17 7.30 -12.51
CA CYS A 26 -4.07 7.96 -11.58
C CYS A 26 -5.35 7.16 -11.32
N ASN A 27 -5.89 6.53 -12.36
CA ASN A 27 -7.04 5.65 -12.17
C ASN A 27 -6.80 4.60 -11.08
N GLN A 28 -5.64 3.94 -11.12
CA GLN A 28 -5.32 2.88 -10.18
C GLN A 28 -5.01 3.45 -8.79
N MET A 29 -4.24 4.54 -8.78
CA MET A 29 -3.76 5.09 -7.51
C MET A 29 -4.87 5.81 -6.73
N MET A 30 -5.74 6.55 -7.44
CA MET A 30 -6.85 7.14 -6.73
C MET A 30 -7.73 6.08 -6.05
N LYS A 31 -7.92 4.94 -6.71
CA LYS A 31 -8.73 3.89 -6.11
C LYS A 31 -8.04 3.27 -4.88
N SER A 32 -6.74 2.98 -5.02
CA SER A 32 -6.05 2.22 -4.00
C SER A 32 -5.76 3.04 -2.75
N ARG A 33 -5.89 4.38 -2.88
CA ARG A 33 -5.73 5.25 -1.72
C ARG A 33 -7.07 5.76 -1.19
N ASN A 34 -8.16 5.10 -1.61
CA ASN A 34 -9.49 5.32 -1.05
C ASN A 34 -9.99 6.73 -1.38
N LEU A 35 -9.53 7.28 -2.50
CA LEU A 35 -9.93 8.62 -2.89
C LEU A 35 -11.11 8.56 -3.85
N THR A 36 -11.65 7.36 -4.07
CA THR A 36 -12.84 7.21 -4.90
C THR A 36 -13.96 6.49 -4.14
N LYS A 37 -13.85 6.40 -2.81
CA LYS A 37 -14.72 5.53 -2.02
C LYS A 37 -16.16 6.03 -2.06
N ASP A 38 -16.39 7.27 -1.61
CA ASP A 38 -17.75 7.78 -1.45
C ASP A 38 -18.13 8.65 -2.65
N ARG A 39 -17.13 9.31 -3.23
CA ARG A 39 -17.27 10.27 -4.32
C ARG A 39 -15.92 10.26 -5.03
N CYS A 40 -15.82 10.88 -6.21
CA CYS A 40 -14.54 10.93 -6.91
C CYS A 40 -13.82 12.18 -6.42
N LYS A 41 -12.66 12.05 -5.77
CA LYS A 41 -11.89 13.24 -5.44
C LYS A 41 -11.42 13.93 -6.71
N PRO A 42 -11.79 15.19 -7.01
CA PRO A 42 -11.54 15.72 -8.36
C PRO A 42 -10.06 15.87 -8.68
N VAL A 43 -9.27 16.37 -7.74
CA VAL A 43 -7.88 16.70 -8.06
C VAL A 43 -6.98 16.19 -6.93
N ASN A 44 -5.85 15.58 -7.28
CA ASN A 44 -4.94 15.09 -6.23
C ASN A 44 -3.53 14.94 -6.79
N THR A 45 -2.54 15.22 -5.95
CA THR A 45 -1.16 15.14 -6.43
C THR A 45 -0.43 14.06 -5.63
N PHE A 46 0.35 13.23 -6.34
CA PHE A 46 1.22 12.27 -5.66
C PHE A 46 2.68 12.67 -5.83
N VAL A 47 3.47 12.43 -4.77
CA VAL A 47 4.87 12.79 -4.79
C VAL A 47 5.74 11.53 -4.82
N HIS A 48 6.66 11.46 -5.79
CA HIS A 48 7.52 10.31 -5.99
C HIS A 48 8.93 10.62 -5.46
N GLU A 49 9.00 10.84 -4.16
CA GLU A 49 10.26 11.10 -3.47
C GLU A 49 10.19 10.30 -2.16
N SER A 50 11.34 10.14 -1.49
CA SER A 50 11.31 9.46 -0.21
C SER A 50 10.50 10.29 0.79
N LEU A 51 9.95 9.58 1.77
CA LEU A 51 9.28 10.30 2.84
C LEU A 51 10.25 11.25 3.52
N ALA A 52 11.49 10.82 3.77
CA ALA A 52 12.41 11.74 4.42
C ALA A 52 12.58 13.04 3.64
N ASP A 53 12.71 12.94 2.30
CA ASP A 53 12.91 14.13 1.47
C ASP A 53 11.69 15.04 1.55
N VAL A 54 10.50 14.44 1.58
CA VAL A 54 9.30 15.29 1.66
C VAL A 54 9.17 15.90 3.05
N GLN A 55 9.43 15.10 4.10
CA GLN A 55 9.33 15.67 5.44
C GLN A 55 10.34 16.80 5.64
N ALA A 56 11.50 16.73 4.96
CA ALA A 56 12.49 17.77 5.11
C ALA A 56 12.05 19.14 4.55
N VAL A 57 11.02 19.13 3.69
CA VAL A 57 10.51 20.39 3.16
C VAL A 57 10.04 21.32 4.28
N CYS A 58 9.63 20.73 5.42
CA CYS A 58 9.22 21.50 6.60
C CYS A 58 10.36 22.34 7.19
N SER A 59 11.59 22.17 6.67
CA SER A 59 12.69 23.01 7.11
C SER A 59 13.26 23.84 5.95
N GLN A 60 12.49 24.03 4.88
CA GLN A 60 12.95 24.75 3.69
C GLN A 60 12.28 26.12 3.61
N LYS A 61 11.73 26.51 2.44
CA LYS A 61 11.38 27.91 2.25
C LYS A 61 10.00 28.21 2.83
N ASN A 62 9.95 28.92 3.97
CA ASN A 62 8.67 29.24 4.60
C ASN A 62 7.91 30.26 3.74
N VAL A 63 6.63 29.92 3.49
CA VAL A 63 5.73 30.74 2.67
C VAL A 63 4.36 30.75 3.34
N ALA A 64 3.53 31.71 2.93
CA ALA A 64 2.13 31.63 3.33
C ALA A 64 1.42 30.48 2.63
N CYS A 65 0.40 29.91 3.30
CA CYS A 65 -0.50 28.91 2.73
C CYS A 65 -1.64 29.62 2.00
N LYS A 66 -2.40 28.87 1.21
CA LYS A 66 -3.53 29.46 0.50
C LYS A 66 -4.54 30.04 1.48
N ASN A 67 -4.66 29.43 2.66
CA ASN A 67 -5.63 29.87 3.65
C ASN A 67 -5.12 31.06 4.48
N GLY A 68 -3.90 31.54 4.21
CA GLY A 68 -3.33 32.65 4.96
C GLY A 68 -2.55 32.31 6.23
N GLN A 69 -2.57 31.04 6.66
CA GLN A 69 -1.66 30.58 7.70
C GLN A 69 -0.21 30.67 7.17
N THR A 70 0.78 30.66 8.06
CA THR A 70 2.16 30.82 7.61
C THR A 70 3.03 29.62 7.99
N ASN A 71 2.43 28.42 8.03
CA ASN A 71 3.16 27.20 8.31
C ASN A 71 3.26 26.34 7.05
N CYS A 72 3.43 27.03 5.91
CA CYS A 72 3.65 26.37 4.62
C CYS A 72 5.11 26.52 4.24
N TYR A 73 5.57 25.52 3.49
CA TYR A 73 6.95 25.47 3.05
C TYR A 73 7.02 25.00 1.61
N GLN A 74 7.87 25.71 0.84
CA GLN A 74 8.16 25.34 -0.53
C GLN A 74 9.45 24.53 -0.57
N SER A 75 9.43 23.42 -1.30
CA SER A 75 10.64 22.64 -1.52
C SER A 75 11.67 23.48 -2.28
N TYR A 76 12.93 23.43 -1.83
CA TYR A 76 13.97 24.12 -2.57
C TYR A 76 14.20 23.45 -3.94
N SER A 77 14.18 22.12 -3.99
CA SER A 77 14.40 21.37 -5.21
C SER A 77 13.06 21.11 -5.91
N THR A 78 13.12 20.88 -7.22
CA THR A 78 11.96 20.24 -7.85
C THR A 78 11.90 18.78 -7.44
N MET A 79 10.67 18.23 -7.44
CA MET A 79 10.44 16.84 -7.12
C MET A 79 9.61 16.20 -8.23
N SER A 80 9.71 14.87 -8.30
CA SER A 80 8.89 14.11 -9.24
C SER A 80 7.48 14.01 -8.66
N ILE A 81 6.48 14.50 -9.41
CA ILE A 81 5.11 14.43 -8.95
C ILE A 81 4.21 13.92 -10.07
N THR A 82 3.04 13.41 -9.68
CA THR A 82 1.99 13.12 -10.64
C THR A 82 0.76 13.90 -10.22
N ASP A 83 0.21 14.68 -11.16
CA ASP A 83 -1.05 15.37 -10.91
C ASP A 83 -2.18 14.50 -11.46
N CYS A 84 -3.21 14.27 -10.63
CA CYS A 84 -4.33 13.47 -11.09
C CYS A 84 -5.55 14.39 -11.12
N ARG A 85 -6.23 14.44 -12.27
CA ARG A 85 -7.39 15.30 -12.34
C ARG A 85 -8.50 14.52 -13.03
N GLU A 86 -9.70 14.55 -12.43
CA GLU A 86 -10.82 13.82 -13.02
C GLU A 86 -11.10 14.39 -14.41
N THR A 87 -11.55 13.50 -15.30
CA THR A 87 -11.90 13.91 -16.65
C THR A 87 -13.27 14.58 -16.61
N GLY A 88 -13.59 15.29 -17.68
CA GLY A 88 -14.87 16.00 -17.72
C GLY A 88 -16.07 15.05 -17.80
N SER A 89 -15.85 13.80 -18.23
CA SER A 89 -16.92 12.84 -18.39
C SER A 89 -16.96 11.85 -17.22
N SER A 90 -16.06 12.02 -16.24
CA SER A 90 -16.01 11.12 -15.10
C SER A 90 -17.30 11.22 -14.28
N LYS A 91 -17.85 10.07 -13.90
CA LYS A 91 -18.98 10.08 -13.00
C LYS A 91 -18.88 8.89 -12.05
N TYR A 92 -18.88 9.19 -10.75
CA TYR A 92 -18.96 8.21 -9.69
C TYR A 92 -20.12 7.25 -9.97
N PRO A 93 -19.96 5.92 -9.82
CA PRO A 93 -18.78 5.34 -9.17
C PRO A 93 -17.72 4.82 -10.14
N ASN A 94 -17.78 5.26 -11.40
CA ASN A 94 -16.74 4.94 -12.36
C ASN A 94 -15.84 6.16 -12.52
N CYS A 95 -15.04 6.44 -11.49
CA CYS A 95 -14.22 7.65 -11.51
C CYS A 95 -13.10 7.47 -12.52
N ALA A 96 -12.85 8.50 -13.34
CA ALA A 96 -11.81 8.44 -14.35
C ALA A 96 -10.91 9.68 -14.26
N TYR A 97 -9.60 9.52 -14.47
CA TYR A 97 -8.63 10.58 -14.20
C TYR A 97 -7.63 10.68 -15.35
N LYS A 98 -7.14 11.90 -15.60
CA LYS A 98 -6.02 12.13 -16.48
C LYS A 98 -4.76 12.20 -15.61
N THR A 99 -3.66 11.60 -16.10
CA THR A 99 -2.38 11.55 -15.40
C THR A 99 -1.43 12.57 -16.02
N THR A 100 -0.83 13.43 -15.19
CA THR A 100 0.20 14.31 -15.72
C THR A 100 1.45 14.21 -14.84
N GLN A 101 2.53 13.70 -15.41
CA GLN A 101 3.81 13.54 -14.71
C GLN A 101 4.61 14.82 -14.88
N ALA A 102 5.25 15.31 -13.80
CA ALA A 102 6.06 16.51 -13.94
C ALA A 102 7.10 16.61 -12.83
N ASN A 103 8.09 17.49 -13.02
CA ASN A 103 9.03 17.82 -11.96
C ASN A 103 8.78 19.25 -11.50
N LYS A 104 8.31 19.39 -10.26
CA LYS A 104 7.91 20.71 -9.80
C LYS A 104 8.27 20.83 -8.33
N HIS A 105 8.32 22.09 -7.84
CA HIS A 105 8.46 22.32 -6.40
C HIS A 105 7.11 22.04 -5.75
N ILE A 106 7.12 21.50 -4.53
CA ILE A 106 5.87 21.29 -3.80
C ILE A 106 5.78 22.27 -2.65
N ILE A 107 4.55 22.61 -2.26
CA ILE A 107 4.27 23.45 -1.11
C ILE A 107 3.33 22.68 -0.19
N VAL A 108 3.81 22.45 1.03
CA VAL A 108 3.08 21.68 2.02
C VAL A 108 2.95 22.51 3.29
N ALA A 109 1.89 22.22 4.05
CA ALA A 109 1.80 22.83 5.37
C ALA A 109 2.28 21.82 6.40
N CYS A 110 3.02 22.32 7.40
CA CYS A 110 3.58 21.42 8.39
C CYS A 110 3.03 21.72 9.77
N GLU A 111 2.91 20.65 10.59
CA GLU A 111 2.41 20.86 11.94
C GLU A 111 2.80 19.67 12.80
N GLY A 112 2.94 19.94 14.10
CA GLY A 112 2.95 18.86 15.08
C GLY A 112 4.38 18.44 15.41
N ASN A 113 4.51 17.47 16.31
CA ASN A 113 5.83 17.00 16.68
C ASN A 113 5.79 15.48 16.51
N PRO A 114 6.47 14.87 15.53
CA PRO A 114 7.47 15.55 14.69
C PRO A 114 6.79 16.54 13.74
N TYR A 115 7.56 17.56 13.30
CA TYR A 115 7.02 18.62 12.45
C TYR A 115 7.07 18.17 11.00
N VAL A 116 5.93 17.64 10.53
CA VAL A 116 5.84 16.95 9.26
C VAL A 116 4.70 17.51 8.42
N PRO A 117 4.61 17.15 7.12
CA PRO A 117 3.50 17.68 6.31
C PRO A 117 2.14 17.12 6.71
N VAL A 118 1.14 18.00 6.75
CA VAL A 118 -0.22 17.61 7.11
C VAL A 118 -1.17 18.04 6.00
N HIS A 119 -0.64 18.77 5.02
CA HIS A 119 -1.49 19.25 3.94
C HIS A 119 -0.63 19.52 2.71
N PHE A 120 -1.20 19.18 1.54
CA PHE A 120 -0.55 19.52 0.28
C PHE A 120 -1.19 20.80 -0.26
N ASP A 121 -0.46 21.92 -0.30
CA ASP A 121 -1.03 23.20 -0.66
C ASP A 121 -1.04 23.40 -2.18
N ALA A 122 0.09 23.09 -2.84
CA ALA A 122 0.18 23.31 -4.29
C ALA A 122 1.50 22.76 -4.82
N SER A 123 1.61 22.66 -6.15
CA SER A 123 2.91 22.55 -6.76
C SER A 123 3.19 23.78 -7.61
N VAL A 124 4.45 24.17 -7.70
CA VAL A 124 4.82 25.33 -8.49
C VAL A 124 5.94 24.96 -9.48
N LYS B 1 19.28 -19.43 -5.63
CA LYS B 1 18.33 -19.46 -4.47
C LYS B 1 17.02 -18.79 -4.86
N GLU B 2 15.92 -19.27 -4.23
CA GLU B 2 14.65 -18.56 -4.16
C GLU B 2 14.87 -17.26 -3.39
N THR B 3 14.53 -16.13 -4.01
CA THR B 3 14.59 -14.83 -3.34
C THR B 3 13.50 -14.73 -2.27
N ALA B 4 13.70 -13.82 -1.31
CA ALA B 4 12.70 -13.55 -0.29
C ALA B 4 11.41 -13.06 -0.94
N ALA B 5 11.52 -12.24 -1.99
CA ALA B 5 10.33 -11.76 -2.69
C ALA B 5 9.59 -12.92 -3.35
N ALA B 6 10.34 -13.83 -3.97
CA ALA B 6 9.74 -15.00 -4.59
C ALA B 6 9.11 -15.93 -3.56
N LYS B 7 9.78 -16.11 -2.41
CA LYS B 7 9.24 -16.92 -1.34
C LYS B 7 7.91 -16.31 -0.89
N PHE B 8 7.86 -14.99 -0.78
CA PHE B 8 6.63 -14.33 -0.37
C PHE B 8 5.52 -14.69 -1.34
N GLU B 9 5.82 -14.61 -2.63
CA GLU B 9 4.83 -14.94 -3.66
C GLU B 9 4.36 -16.38 -3.52
N ARG B 10 5.31 -17.30 -3.27
CA ARG B 10 4.95 -18.71 -3.24
C ARG B 10 4.09 -19.00 -2.02
N GLN B 11 4.43 -18.35 -0.90
CA GLN B 11 3.75 -18.65 0.35
C GLN B 11 2.41 -17.91 0.43
N HIS B 12 2.29 -16.73 -0.18
CA HIS B 12 1.20 -15.85 0.22
C HIS B 12 0.32 -15.34 -0.91
N MET B 13 0.76 -15.46 -2.17
CA MET B 13 0.02 -14.89 -3.28
C MET B 13 -0.84 -15.98 -3.96
N ASP B 14 -2.15 -15.73 -4.10
CA ASP B 14 -2.98 -16.59 -4.95
C ASP B 14 -4.00 -15.72 -5.69
N SER B 15 -3.53 -15.06 -6.75
CA SER B 15 -4.40 -14.15 -7.49
C SER B 15 -5.41 -14.90 -8.36
N SER B 16 -5.34 -16.24 -8.40
CA SER B 16 -6.15 -17.03 -9.33
C SER B 16 -7.62 -17.11 -8.92
N THR B 17 -7.90 -17.18 -7.61
CA THR B 17 -9.28 -17.20 -7.15
C THR B 17 -9.62 -15.88 -6.46
N SER B 18 -10.91 -15.56 -6.40
CA SER B 18 -11.38 -14.36 -5.72
C SER B 18 -11.51 -14.64 -4.23
N ALA B 19 -11.63 -15.93 -3.87
CA ALA B 19 -11.93 -16.37 -2.53
C ALA B 19 -11.80 -17.89 -2.46
N ALA B 20 -11.44 -18.41 -1.28
CA ALA B 20 -11.37 -19.84 -1.05
C ALA B 20 -12.74 -20.46 -1.36
N SER B 21 -12.86 -20.99 -2.58
CA SER B 21 -14.10 -21.54 -3.09
C SER B 21 -14.44 -22.85 -2.38
N SER B 22 -13.41 -23.59 -1.96
CA SER B 22 -13.61 -24.92 -1.41
C SER B 22 -13.10 -25.03 0.03
N SER B 23 -13.84 -25.79 0.83
CA SER B 23 -13.49 -26.19 2.18
C SER B 23 -12.14 -26.92 2.21
N ASN B 24 -11.68 -27.37 1.04
CA ASN B 24 -10.43 -28.09 1.02
C ASN B 24 -9.35 -27.27 0.31
N TYR B 25 -9.60 -25.97 0.10
CA TYR B 25 -8.68 -25.07 -0.58
C TYR B 25 -7.28 -25.16 0.04
N CYS B 26 -7.22 -25.14 1.37
CA CYS B 26 -5.95 -25.06 2.08
C CYS B 26 -5.24 -26.42 2.09
N ASN B 27 -6.02 -27.50 2.08
CA ASN B 27 -5.41 -28.81 1.98
C ASN B 27 -4.59 -28.87 0.71
N GLN B 28 -5.18 -28.42 -0.41
CA GLN B 28 -4.55 -28.52 -1.71
C GLN B 28 -3.42 -27.50 -1.80
N MET B 29 -3.71 -26.26 -1.37
CA MET B 29 -2.81 -25.13 -1.53
C MET B 29 -1.57 -25.27 -0.65
N MET B 30 -1.75 -25.60 0.63
CA MET B 30 -0.59 -25.73 1.51
C MET B 30 0.35 -26.78 0.93
N LYS B 31 -0.20 -27.77 0.23
CA LYS B 31 0.60 -28.82 -0.36
C LYS B 31 1.31 -28.31 -1.62
N SER B 32 0.56 -27.71 -2.54
CA SER B 32 1.11 -27.37 -3.85
C SER B 32 2.19 -26.29 -3.75
N ARG B 33 2.15 -25.50 -2.67
CA ARG B 33 3.09 -24.39 -2.53
C ARG B 33 4.27 -24.85 -1.67
N ASN B 34 4.28 -26.14 -1.34
CA ASN B 34 5.43 -26.75 -0.71
C ASN B 34 5.53 -26.34 0.75
N LEU B 35 4.38 -26.11 1.41
CA LEU B 35 4.42 -25.68 2.80
C LEU B 35 4.13 -26.86 3.73
N THR B 36 4.08 -28.07 3.17
CA THR B 36 3.86 -29.26 3.96
C THR B 36 4.99 -30.26 3.71
N LYS B 37 6.16 -29.74 3.32
CA LYS B 37 7.24 -30.55 2.78
C LYS B 37 8.11 -31.08 3.91
N ASP B 38 8.64 -30.18 4.75
CA ASP B 38 9.52 -30.57 5.84
C ASP B 38 8.68 -30.83 7.09
N ARG B 39 7.43 -30.35 7.04
CA ARG B 39 6.53 -30.34 8.18
C ARG B 39 5.20 -29.75 7.72
N CYS B 40 4.19 -29.76 8.60
CA CYS B 40 2.98 -28.97 8.35
C CYS B 40 3.22 -27.57 8.90
N LYS B 41 3.32 -26.59 7.99
CA LYS B 41 3.29 -25.21 8.45
C LYS B 41 1.97 -25.03 9.19
N PRO B 42 1.99 -24.64 10.48
CA PRO B 42 0.76 -24.56 11.27
C PRO B 42 -0.26 -23.53 10.77
N VAL B 43 0.21 -22.38 10.32
CA VAL B 43 -0.68 -21.32 9.87
C VAL B 43 -0.10 -20.64 8.64
N ASN B 44 -0.97 -20.20 7.73
CA ASN B 44 -0.50 -19.45 6.58
C ASN B 44 -1.65 -18.64 5.98
N THR B 45 -1.33 -17.50 5.36
CA THR B 45 -2.36 -16.71 4.72
C THR B 45 -2.04 -16.57 3.23
N PHE B 46 -3.07 -16.73 2.39
CA PHE B 46 -3.00 -16.42 0.97
C PHE B 46 -3.88 -15.21 0.69
N VAL B 47 -3.37 -14.35 -0.18
CA VAL B 47 -3.99 -13.11 -0.58
C VAL B 47 -4.49 -13.26 -2.01
N HIS B 48 -5.80 -13.01 -2.19
CA HIS B 48 -6.44 -13.16 -3.49
C HIS B 48 -6.60 -11.77 -4.12
N GLU B 49 -5.47 -11.18 -4.48
CA GLU B 49 -5.41 -9.85 -5.07
C GLU B 49 -4.27 -9.89 -6.09
N SER B 50 -4.21 -8.89 -6.97
CA SER B 50 -3.12 -8.85 -7.94
C SER B 50 -1.78 -8.67 -7.23
N LEU B 51 -0.71 -9.19 -7.86
CA LEU B 51 0.62 -8.89 -7.36
C LEU B 51 0.83 -7.38 -7.25
N ALA B 52 0.39 -6.63 -8.26
CA ALA B 52 0.66 -5.20 -8.27
C ALA B 52 -0.03 -4.55 -7.06
N ASP B 53 -1.23 -5.03 -6.73
CA ASP B 53 -2.00 -4.50 -5.60
C ASP B 53 -1.30 -4.79 -4.26
N VAL B 54 -0.72 -5.99 -4.15
CA VAL B 54 -0.02 -6.37 -2.92
C VAL B 54 1.34 -5.64 -2.85
N GLN B 55 2.08 -5.55 -3.96
CA GLN B 55 3.31 -4.75 -3.99
C GLN B 55 3.08 -3.29 -3.58
N ALA B 56 1.93 -2.72 -3.96
CA ALA B 56 1.64 -1.31 -3.68
C ALA B 56 1.50 -1.06 -2.18
N VAL B 57 1.24 -2.12 -1.39
CA VAL B 57 1.10 -1.99 0.06
C VAL B 57 2.41 -1.45 0.67
N CYS B 58 3.55 -1.65 0.00
CA CYS B 58 4.84 -1.18 0.51
C CYS B 58 4.94 0.34 0.52
N SER B 59 3.97 1.05 -0.09
CA SER B 59 3.91 2.50 -0.02
C SER B 59 2.68 3.01 0.75
N GLN B 60 1.99 2.11 1.47
CA GLN B 60 0.77 2.45 2.19
C GLN B 60 1.07 2.73 3.67
N LYS B 61 0.19 2.31 4.58
CA LYS B 61 0.26 2.85 5.93
C LYS B 61 1.41 2.20 6.70
N ASN B 62 2.40 3.01 7.12
CA ASN B 62 3.52 2.39 7.81
C ASN B 62 3.09 2.07 9.25
N VAL B 63 3.38 0.84 9.68
CA VAL B 63 3.04 0.38 11.02
C VAL B 63 4.19 -0.42 11.63
N ALA B 64 4.19 -0.55 12.96
CA ALA B 64 5.18 -1.40 13.60
C ALA B 64 4.96 -2.87 13.24
N CYS B 65 6.04 -3.58 12.97
CA CYS B 65 6.00 -5.02 12.76
C CYS B 65 5.96 -5.74 14.11
N LYS B 66 5.44 -6.97 14.06
CA LYS B 66 5.37 -7.82 15.26
C LYS B 66 6.74 -8.01 15.89
N ASN B 67 7.82 -8.02 15.09
CA ASN B 67 9.15 -8.28 15.63
C ASN B 67 9.79 -6.97 16.10
N GLY B 68 9.08 -5.84 15.99
CA GLY B 68 9.64 -4.58 16.45
C GLY B 68 10.32 -3.72 15.38
N GLN B 69 10.57 -4.27 14.19
CA GLN B 69 11.09 -3.44 13.12
C GLN B 69 10.00 -2.48 12.68
N THR B 70 10.36 -1.50 11.83
CA THR B 70 9.45 -0.46 11.41
C THR B 70 9.14 -0.54 9.91
N ASN B 71 9.49 -1.66 9.27
CA ASN B 71 9.32 -1.75 7.82
C ASN B 71 8.05 -2.52 7.45
N CYS B 72 6.98 -2.34 8.25
CA CYS B 72 5.73 -2.99 7.93
C CYS B 72 4.67 -1.98 7.48
N TYR B 73 3.78 -2.46 6.62
CA TYR B 73 2.84 -1.56 5.98
C TYR B 73 1.46 -2.21 5.93
N GLN B 74 0.42 -1.44 6.27
CA GLN B 74 -0.93 -1.98 6.31
C GLN B 74 -1.72 -1.45 5.10
N SER B 75 -2.43 -2.35 4.42
CA SER B 75 -3.20 -1.96 3.25
C SER B 75 -4.31 -0.97 3.61
N TYR B 76 -4.51 0.06 2.79
CA TYR B 76 -5.57 1.02 3.05
C TYR B 76 -6.95 0.41 2.84
N SER B 77 -7.04 -0.49 1.87
CA SER B 77 -8.26 -1.25 1.61
C SER B 77 -8.22 -2.63 2.24
N THR B 78 -9.40 -3.20 2.54
CA THR B 78 -9.45 -4.63 2.84
C THR B 78 -9.09 -5.41 1.58
N MET B 79 -8.56 -6.62 1.79
CA MET B 79 -8.24 -7.48 0.66
C MET B 79 -8.89 -8.83 0.90
N SER B 80 -9.13 -9.57 -0.18
CA SER B 80 -9.65 -10.91 0.01
C SER B 80 -8.52 -11.85 0.39
N ILE B 81 -8.67 -12.58 1.48
CA ILE B 81 -7.63 -13.45 2.01
C ILE B 81 -8.22 -14.79 2.43
N THR B 82 -7.35 -15.79 2.56
CA THR B 82 -7.74 -17.07 3.12
C THR B 82 -6.72 -17.48 4.16
N ASP B 83 -7.17 -17.67 5.39
CA ASP B 83 -6.34 -18.20 6.46
C ASP B 83 -6.43 -19.72 6.41
N CYS B 84 -5.25 -20.36 6.45
CA CYS B 84 -5.14 -21.80 6.52
C CYS B 84 -4.55 -22.15 7.88
N ARG B 85 -5.21 -23.10 8.56
CA ARG B 85 -4.95 -23.36 9.97
C ARG B 85 -5.02 -24.87 10.18
N GLU B 86 -3.96 -25.41 10.79
CA GLU B 86 -3.79 -26.85 10.96
C GLU B 86 -4.83 -27.35 11.96
N THR B 87 -5.54 -28.44 11.60
CA THR B 87 -6.52 -29.07 12.47
C THR B 87 -5.80 -29.92 13.52
N GLY B 88 -6.56 -30.51 14.44
CA GLY B 88 -6.01 -31.40 15.45
C GLY B 88 -5.73 -32.79 14.89
N SER B 89 -6.59 -33.21 13.94
CA SER B 89 -6.50 -34.50 13.27
C SER B 89 -5.27 -34.56 12.36
N SER B 90 -4.87 -33.41 11.82
CA SER B 90 -3.72 -33.30 10.94
C SER B 90 -2.46 -33.81 11.65
N LYS B 91 -1.71 -34.69 10.96
CA LYS B 91 -0.46 -35.19 11.48
C LYS B 91 0.51 -35.39 10.32
N TYR B 92 1.71 -34.80 10.44
CA TYR B 92 2.70 -34.90 9.39
C TYR B 92 3.09 -36.36 9.20
N PRO B 93 3.00 -36.91 7.96
CA PRO B 93 2.95 -36.12 6.74
C PRO B 93 1.54 -35.96 6.15
N ASN B 94 0.52 -36.16 6.99
CA ASN B 94 -0.86 -35.92 6.57
C ASN B 94 -1.34 -34.59 7.16
N CYS B 95 -0.91 -33.50 6.53
CA CYS B 95 -1.30 -32.17 7.00
C CYS B 95 -2.71 -31.89 6.54
N ALA B 96 -3.54 -31.43 7.48
CA ALA B 96 -4.93 -31.09 7.19
C ALA B 96 -5.22 -29.68 7.71
N TYR B 97 -6.02 -28.95 6.94
CA TYR B 97 -6.21 -27.52 7.19
C TYR B 97 -7.69 -27.15 7.16
N LYS B 98 -8.09 -26.30 8.11
CA LYS B 98 -9.29 -25.49 8.06
C LYS B 98 -9.06 -24.27 7.16
N THR B 99 -9.93 -24.12 6.15
CA THR B 99 -9.98 -22.92 5.34
C THR B 99 -10.90 -21.88 5.97
N THR B 100 -10.39 -20.65 6.15
CA THR B 100 -11.24 -19.52 6.48
C THR B 100 -11.00 -18.35 5.52
N GLN B 101 -12.05 -18.00 4.78
CA GLN B 101 -12.08 -16.83 3.92
C GLN B 101 -12.46 -15.59 4.74
N ALA B 102 -11.89 -14.44 4.40
CA ALA B 102 -12.24 -13.18 5.03
C ALA B 102 -11.81 -12.02 4.15
N ASN B 103 -12.31 -10.83 4.48
CA ASN B 103 -11.87 -9.61 3.83
C ASN B 103 -11.28 -8.68 4.90
N LYS B 104 -9.95 -8.50 4.84
CA LYS B 104 -9.24 -7.89 5.96
C LYS B 104 -8.10 -7.06 5.41
N HIS B 105 -7.65 -6.07 6.19
CA HIS B 105 -6.44 -5.36 5.80
C HIS B 105 -5.24 -6.26 6.02
N ILE B 106 -4.28 -6.20 5.11
CA ILE B 106 -3.09 -7.03 5.31
C ILE B 106 -1.97 -6.15 5.82
N ILE B 107 -1.01 -6.78 6.52
CA ILE B 107 0.20 -6.10 6.94
C ILE B 107 1.38 -6.92 6.45
N VAL B 108 2.23 -6.30 5.62
CA VAL B 108 3.41 -6.97 5.08
C VAL B 108 4.66 -6.16 5.45
N ALA B 109 5.81 -6.86 5.54
CA ALA B 109 7.08 -6.18 5.69
C ALA B 109 7.76 -6.10 4.33
N CYS B 110 8.41 -4.98 4.04
CA CYS B 110 9.02 -4.78 2.73
C CYS B 110 10.52 -4.50 2.93
N GLU B 111 11.28 -4.88 1.90
CA GLU B 111 12.72 -4.67 1.92
C GLU B 111 13.17 -4.59 0.47
N GLY B 112 14.41 -4.08 0.32
CA GLY B 112 15.10 -4.19 -0.95
C GLY B 112 15.03 -2.91 -1.77
N ASN B 113 15.84 -2.93 -2.84
CA ASN B 113 15.70 -1.97 -3.93
C ASN B 113 15.61 -2.77 -5.22
N PRO B 114 14.39 -2.96 -5.77
CA PRO B 114 13.20 -2.25 -5.31
C PRO B 114 12.54 -2.79 -4.04
N TYR B 115 11.68 -1.94 -3.47
CA TYR B 115 11.10 -2.17 -2.16
C TYR B 115 9.86 -3.03 -2.33
N VAL B 116 9.93 -4.28 -1.89
CA VAL B 116 8.90 -5.26 -2.21
C VAL B 116 8.55 -6.10 -0.98
N PRO B 117 7.38 -6.76 -0.96
CA PRO B 117 7.01 -7.58 0.19
C PRO B 117 7.89 -8.82 0.34
N VAL B 118 8.38 -9.03 1.57
CA VAL B 118 9.21 -10.18 1.85
C VAL B 118 8.64 -11.01 2.99
N HIS B 119 7.56 -10.56 3.63
CA HIS B 119 7.08 -11.22 4.83
C HIS B 119 5.62 -10.81 5.05
N PHE B 120 4.77 -11.77 5.40
CA PHE B 120 3.39 -11.47 5.76
C PHE B 120 3.31 -11.40 7.29
N ASP B 121 2.90 -10.24 7.85
CA ASP B 121 2.97 -10.03 9.28
C ASP B 121 1.64 -10.39 9.94
N ALA B 122 0.54 -9.89 9.37
CA ALA B 122 -0.72 -9.93 10.10
C ALA B 122 -1.85 -9.58 9.14
N SER B 123 -3.08 -9.89 9.57
CA SER B 123 -4.24 -9.31 8.93
C SER B 123 -5.11 -8.68 10.02
N VAL B 124 -5.77 -7.58 9.68
CA VAL B 124 -6.54 -6.89 10.71
C VAL B 124 -7.85 -6.38 10.12
C V2S C . -6.31 18.39 -1.54
O V2S C . -5.31 17.38 -1.48
CA V2S C . -6.19 19.64 -0.68
CB V2S C . -5.87 20.83 -1.59
CG V2S C . -6.01 22.12 -0.84
C6 V2S C . -2.40 24.65 7.15
C5 V2S C . -3.52 24.18 6.29
C4 V2S C . -4.10 22.87 6.63
C2 V2S C . -2.53 22.69 8.42
OXT V2S C . -7.44 18.22 -2.38
OP1 V2S C . -6.09 17.19 1.04
P V2S C . -5.06 18.25 1.38
OP2 V2S C . -3.68 17.69 1.52
N10 V2S C . -5.05 19.42 0.23
CD1 V2S C . -7.03 22.23 0.11
CE1 V2S C . -7.15 23.40 0.86
CZ V2S C . -6.29 24.47 0.60
CE2 V2S C . -5.25 24.35 -0.34
CD2 V2S C . -5.10 23.16 -1.06
O5' V2S C . -5.43 19.00 2.74
C5' V2S C . -5.51 18.28 3.97
C4' V2S C . -6.20 19.22 4.96
O4' V2S C . -5.28 20.14 5.56
C1' V2S C . -5.94 21.41 5.72
C2' V2S C . -7.01 21.51 4.62
O2' V2S C . -8.17 22.17 5.12
C3' V2S C . -7.27 20.05 4.24
O3' V2S C . -8.56 19.63 4.65
N9 V2S C . -5.08 22.63 5.75
C8 V2S C . -5.18 23.70 4.92
N7 V2S C . -4.22 24.62 5.22
N6 V2S C . -1.84 25.85 6.89
N1 V2S C . -1.98 23.87 8.21
N3 V2S C . -3.55 22.19 7.68
CL CL D . -4.05 26.44 2.95
C V2S E . 4.15 -16.94 8.32
O V2S E . 4.15 -18.29 8.76
CA V2S E . 5.14 -15.96 8.94
CB V2S E . 4.31 -15.27 10.01
CG V2S E . 5.09 -14.33 10.92
C6 V2S E . 10.41 -7.85 8.96
C5 V2S E . 10.14 -9.24 9.39
C4 V2S E . 10.73 -10.30 8.57
C2 V2S E . 11.59 -8.69 7.09
OXT V2S E . 3.18 -16.47 7.39
OP1 V2S E . 6.62 -16.68 6.29
P V2S E . 6.36 -15.22 6.58
OP2 V2S E . 5.95 -14.45 5.34
N10 V2S E . 5.39 -15.01 7.87
CD1 V2S E . 6.41 -14.62 11.30
CE1 V2S E . 7.09 -13.73 12.12
CZ V2S E . 6.46 -12.59 12.62
CE2 V2S E . 5.13 -12.31 12.24
CD2 V2S E . 4.45 -13.17 11.40
O5' V2S E . 7.77 -14.60 7.03
C5' V2S E . 8.91 -14.79 6.19
C4' V2S E . 10.09 -14.37 7.06
O4' V2S E . 10.05 -12.98 7.37
C1' V2S E . 10.74 -12.77 8.60
C2' V2S E . 10.19 -13.91 9.44
O2' V2S E . 11.06 -14.22 10.53
C3' V2S E . 10.11 -15.05 8.43
O3' V2S E . 11.34 -15.78 8.49
N9 V2S E . 10.37 -11.43 9.14
C8 V2S E . 9.65 -11.17 10.26
N7 V2S E . 9.51 -9.83 10.43
N6 V2S E . 9.93 -6.83 9.70
N1 V2S E . 11.12 -7.67 7.83
N3 V2S E . 11.41 -9.98 7.44
CL CL F . 7.43 -8.98 12.32
#